data_7EQK
#
_entry.id   7EQK
#
_cell.length_a   66.782
_cell.length_b   66.782
_cell.length_c   116.336
_cell.angle_alpha   90.000
_cell.angle_beta   90.000
_cell.angle_gamma   120.000
#
_symmetry.space_group_name_H-M   'P 32 2 1'
#
loop_
_entity.id
_entity.type
_entity.pdbx_description
1 polymer 'Cupin domain-containing protein'
2 non-polymer 'FE (III) ION'
3 non-polymer 'GLYCOLIC ACID'
4 non-polymer 1-(1~{H}-indol-3-yl)ethanone
5 non-polymer '(E)-3-(1H-indol-3-yl)-2-oxidanyl-but-2-enoic acid'
6 water water
#
_entity_poly.entity_id   1
_entity_poly.type   'polypeptide(L)'
_entity_poly.pdbx_seq_one_letter_code
;MTVQDKAAGSDAEIVTALPVPLAVAGHHQPAPFYLTADMFGGLPVQLAGGELSKLVGKPVAAPHVHEVDELYFLVSPEPG
QARIEVHLDGVRHELVSPAVMRIPAGSEHCFLTLEATVGSYCFGILVGDRL
;
_entity_poly.pdbx_strand_id   A,B
#
# COMPACT_ATOMS: atom_id res chain seq x y z
N ASP A 11 -13.23 9.95 18.89
CA ASP A 11 -11.81 9.82 19.26
C ASP A 11 -11.06 8.86 18.34
N ALA A 12 -11.20 9.06 17.03
CA ALA A 12 -10.55 8.21 16.04
C ALA A 12 -9.04 8.47 15.99
N GLU A 13 -8.31 7.43 15.59
CA GLU A 13 -6.85 7.48 15.49
C GLU A 13 -6.48 7.73 14.04
N ILE A 14 -6.05 8.95 13.75
CA ILE A 14 -5.75 9.42 12.41
C ILE A 14 -4.30 9.91 12.41
N VAL A 15 -3.55 9.52 11.38
CA VAL A 15 -2.17 9.98 11.15
C VAL A 15 -2.12 10.73 9.84
N THR A 16 -1.76 12.01 9.89
CA THR A 16 -1.59 12.78 8.66
C THR A 16 -0.23 13.47 8.57
N ALA A 17 0.65 13.28 9.55
CA ALA A 17 2.02 13.76 9.49
C ALA A 17 2.80 12.72 8.69
N LEU A 18 2.68 12.79 7.37
CA LEU A 18 3.11 11.74 6.46
C LEU A 18 3.70 12.38 5.22
N PRO A 19 4.65 11.71 4.56
CA PRO A 19 5.27 10.48 5.07
C PRO A 19 6.21 10.72 6.25
N VAL A 20 6.62 9.64 6.91
CA VAL A 20 7.58 9.70 8.01
C VAL A 20 8.94 9.28 7.44
N PRO A 21 9.91 10.18 7.33
CA PRO A 21 11.22 9.79 6.80
C PRO A 21 12.01 8.99 7.83
N LEU A 22 12.42 7.80 7.44
CA LEU A 22 13.23 6.93 8.30
C LEU A 22 14.42 6.43 7.50
N ALA A 23 15.57 6.32 8.17
CA ALA A 23 16.75 5.80 7.50
C ALA A 23 16.61 4.31 7.23
N VAL A 24 17.06 3.89 6.07
CA VAL A 24 17.07 2.48 5.68
C VAL A 24 18.41 2.20 5.05
N ALA A 25 18.95 1.00 5.34
CA ALA A 25 20.31 0.66 4.91
C ALA A 25 20.50 0.85 3.41
N GLY A 26 21.58 1.53 3.03
CA GLY A 26 21.92 1.68 1.64
C GLY A 26 21.13 2.73 0.90
N HIS A 27 20.10 3.29 1.51
CA HIS A 27 19.28 4.28 0.83
C HIS A 27 19.95 5.63 0.89
N HIS A 28 19.98 6.30 -0.25
CA HIS A 28 20.66 7.59 -0.36
C HIS A 28 20.05 8.63 0.58
N GLN A 29 18.72 8.72 0.59
CA GLN A 29 17.97 9.55 1.52
C GLN A 29 17.14 8.68 2.43
N PRO A 30 16.69 9.19 3.58
CA PRO A 30 15.69 8.45 4.36
C PRO A 30 14.44 8.19 3.51
N ALA A 31 13.90 7.00 3.63
CA ALA A 31 12.78 6.55 2.84
C ALA A 31 11.47 7.04 3.46
N PRO A 32 10.45 7.34 2.62
CA PRO A 32 9.17 7.85 3.13
C PRO A 32 8.25 6.72 3.59
N PHE A 33 8.02 6.65 4.91
CA PHE A 33 7.17 5.61 5.48
C PHE A 33 5.74 6.12 5.68
N TYR A 34 4.77 5.28 5.38
CA TYR A 34 3.38 5.61 5.67
C TYR A 34 2.80 4.76 6.79
N LEU A 35 3.34 3.57 7.03
CA LEU A 35 3.05 2.80 8.23
C LEU A 35 4.36 2.49 8.91
N THR A 36 4.46 2.79 10.20
CA THR A 36 5.65 2.46 10.97
C THR A 36 5.25 1.54 12.12
N ALA A 37 6.22 0.79 12.63
CA ALA A 37 5.96 -0.29 13.58
C ALA A 37 5.32 0.19 14.87
N ASP A 38 5.49 1.45 15.23
CA ASP A 38 4.98 1.97 16.49
C ASP A 38 3.60 2.59 16.37
N MET A 39 3.07 2.73 15.14
CA MET A 39 1.78 3.38 14.95
C MET A 39 0.67 2.58 15.62
N PHE A 40 -0.31 3.30 16.18
CA PHE A 40 -1.54 2.68 16.68
C PHE A 40 -1.24 1.64 17.75
N GLY A 41 -0.22 1.90 18.57
CA GLY A 41 0.15 0.94 19.58
C GLY A 41 0.93 -0.25 19.10
N GLY A 42 1.34 -0.28 17.82
CA GLY A 42 2.14 -1.39 17.33
C GLY A 42 1.51 -2.05 16.12
N LEU A 43 2.31 -2.23 15.07
CA LEU A 43 1.89 -2.85 13.83
C LEU A 43 2.85 -3.96 13.47
N PRO A 44 2.38 -5.05 12.85
CA PRO A 44 3.29 -6.11 12.43
C PRO A 44 3.99 -5.82 11.12
N VAL A 45 3.77 -4.65 10.52
CA VAL A 45 4.41 -4.31 9.27
C VAL A 45 4.84 -2.85 9.32
N GLN A 46 5.80 -2.53 8.46
CA GLN A 46 6.08 -1.16 8.09
C GLN A 46 5.93 -1.07 6.59
N LEU A 47 5.55 0.11 6.13
CA LEU A 47 5.28 0.28 4.71
C LEU A 47 5.88 1.61 4.28
N ALA A 48 6.76 1.55 3.29
CA ALA A 48 7.43 2.73 2.76
C ALA A 48 7.30 2.73 1.26
N GLY A 49 7.39 3.88 0.63
CA GLY A 49 7.47 3.90 -0.81
C GLY A 49 6.89 5.18 -1.37
N GLY A 50 6.59 5.14 -2.66
CA GLY A 50 6.10 6.37 -3.26
C GLY A 50 5.81 6.20 -4.74
N GLU A 51 5.40 7.31 -5.33
CA GLU A 51 5.05 7.39 -6.73
C GLU A 51 6.32 7.44 -7.57
N LEU A 52 6.32 6.70 -8.68
CA LEU A 52 7.53 6.37 -9.41
C LEU A 52 7.78 7.24 -10.63
N SER A 53 6.87 8.14 -10.97
CA SER A 53 6.90 8.78 -12.27
C SER A 53 8.16 9.60 -12.50
N LYS A 54 8.77 10.12 -11.44
CA LYS A 54 10.00 10.89 -11.56
C LYS A 54 11.23 10.10 -11.12
N LEU A 55 11.11 8.79 -10.89
CA LEU A 55 12.23 7.97 -10.46
C LEU A 55 12.76 7.07 -11.56
N VAL A 56 12.29 7.24 -12.80
CA VAL A 56 12.74 6.36 -13.88
C VAL A 56 14.22 6.59 -14.08
N GLY A 57 14.98 5.50 -14.01
CA GLY A 57 16.41 5.49 -14.19
C GLY A 57 17.20 5.96 -12.98
N LYS A 58 16.55 6.20 -11.85
CA LYS A 58 17.19 6.80 -10.68
C LYS A 58 16.95 5.93 -9.43
N PRO A 59 17.88 5.02 -9.14
CA PRO A 59 17.69 4.11 -8.01
C PRO A 59 17.65 4.86 -6.68
N VAL A 60 16.73 4.45 -5.80
CA VAL A 60 16.67 5.09 -4.49
C VAL A 60 17.73 4.57 -3.52
N ALA A 61 18.37 3.43 -3.83
CA ALA A 61 19.30 2.86 -2.88
C ALA A 61 20.31 1.99 -3.60
N ALA A 62 21.49 1.85 -2.98
CA ALA A 62 22.43 0.81 -3.29
C ALA A 62 21.85 -0.54 -2.85
N PRO A 63 22.40 -1.65 -3.35
CA PRO A 63 22.02 -2.95 -2.81
C PRO A 63 22.10 -2.96 -1.30
N HIS A 64 21.12 -3.59 -0.67
CA HIS A 64 21.04 -3.60 0.78
C HIS A 64 20.37 -4.89 1.21
N VAL A 65 20.43 -5.17 2.50
CA VAL A 65 19.78 -6.35 3.06
C VAL A 65 19.11 -5.92 4.36
N HIS A 66 17.97 -6.54 4.61
CA HIS A 66 17.21 -6.37 5.83
C HIS A 66 17.28 -7.66 6.62
N GLU A 67 17.10 -7.55 7.92
CA GLU A 67 16.90 -8.75 8.72
C GLU A 67 15.44 -9.21 8.78
N VAL A 68 14.53 -8.52 8.08
CA VAL A 68 13.15 -8.98 7.95
C VAL A 68 12.83 -9.15 6.48
N ASP A 69 11.76 -9.89 6.21
CA ASP A 69 11.27 -10.02 4.84
C ASP A 69 10.77 -8.68 4.34
N GLU A 70 10.96 -8.41 3.05
CA GLU A 70 10.39 -7.22 2.43
C GLU A 70 9.61 -7.61 1.19
N LEU A 71 8.39 -7.08 1.09
CA LEU A 71 7.56 -7.26 -0.09
C LEU A 71 7.58 -5.98 -0.93
N TYR A 72 7.94 -6.12 -2.20
CA TYR A 72 7.70 -5.05 -3.15
C TYR A 72 6.28 -5.18 -3.66
N PHE A 73 5.53 -4.08 -3.61
CA PHE A 73 4.17 -3.97 -4.13
C PHE A 73 4.20 -2.90 -5.21
N LEU A 74 4.05 -3.31 -6.47
CA LEU A 74 4.08 -2.40 -7.62
C LEU A 74 2.68 -2.30 -8.21
N VAL A 75 2.17 -1.08 -8.35
CA VAL A 75 0.78 -0.91 -8.78
C VAL A 75 0.66 0.37 -9.59
N SER A 76 -0.28 0.39 -10.52
CA SER A 76 -0.53 1.54 -11.38
C SER A 76 -2.00 1.52 -11.78
N PRO A 77 -2.57 2.67 -12.15
CA PRO A 77 -4.01 2.70 -12.46
C PRO A 77 -4.40 1.68 -13.49
N GLU A 78 -3.61 1.53 -14.58
CA GLU A 78 -3.82 0.52 -15.60
C GLU A 78 -2.67 -0.48 -15.56
N PRO A 79 -2.95 -1.79 -15.64
CA PRO A 79 -1.87 -2.79 -15.60
C PRO A 79 -0.85 -2.52 -16.70
N GLY A 80 0.40 -2.80 -16.40
CA GLY A 80 1.46 -2.60 -17.35
C GLY A 80 2.04 -1.20 -17.37
N GLN A 81 1.45 -0.24 -16.68
CA GLN A 81 1.96 1.12 -16.79
C GLN A 81 3.22 1.36 -15.97
N ALA A 82 3.58 0.42 -15.10
CA ALA A 82 4.78 0.56 -14.29
C ALA A 82 5.60 -0.72 -14.37
N ARG A 83 6.92 -0.56 -14.42
CA ARG A 83 7.83 -1.69 -14.54
C ARG A 83 9.08 -1.34 -13.75
N ILE A 84 9.50 -2.24 -12.87
CA ILE A 84 10.75 -2.03 -12.16
C ILE A 84 11.60 -3.27 -12.34
N GLU A 85 12.90 -3.07 -12.19
CA GLU A 85 13.89 -4.13 -12.20
C GLU A 85 14.31 -4.38 -10.77
N VAL A 86 14.14 -5.61 -10.31
CA VAL A 86 14.57 -5.98 -8.97
C VAL A 86 15.85 -6.79 -9.07
N HIS A 87 16.90 -6.33 -8.40
CA HIS A 87 18.14 -7.09 -8.30
C HIS A 87 18.05 -7.94 -7.03
N LEU A 88 18.14 -9.24 -7.17
CA LEU A 88 18.03 -10.13 -6.03
C LEU A 88 19.26 -11.03 -6.01
N ASP A 89 20.18 -10.75 -5.09
CA ASP A 89 21.46 -11.46 -5.00
C ASP A 89 22.10 -11.59 -6.39
N GLY A 90 22.24 -10.44 -7.07
CA GLY A 90 22.82 -10.36 -8.40
C GLY A 90 22.04 -10.99 -9.54
N VAL A 91 20.75 -11.27 -9.37
CA VAL A 91 19.89 -11.76 -10.44
C VAL A 91 18.81 -10.73 -10.69
N ARG A 92 18.55 -10.42 -11.97
CA ARG A 92 17.62 -9.37 -12.35
C ARG A 92 16.24 -9.93 -12.62
N HIS A 93 15.22 -9.33 -12.00
CA HIS A 93 13.83 -9.68 -12.25
C HIS A 93 13.07 -8.43 -12.63
N GLU A 94 12.34 -8.50 -13.73
CA GLU A 94 11.53 -7.38 -14.15
C GLU A 94 10.11 -7.61 -13.66
N LEU A 95 9.55 -6.64 -12.93
CA LEU A 95 8.20 -6.74 -12.42
C LEU A 95 7.31 -5.80 -13.23
N VAL A 96 6.10 -6.24 -13.55
CA VAL A 96 5.16 -5.45 -14.32
C VAL A 96 3.90 -5.27 -13.47
N SER A 97 3.41 -4.03 -13.39
CA SER A 97 2.27 -3.78 -12.52
C SER A 97 1.04 -4.51 -13.07
N PRO A 98 0.19 -5.05 -12.18
CA PRO A 98 0.40 -5.12 -10.72
C PRO A 98 1.22 -6.34 -10.34
N ALA A 99 2.08 -6.23 -9.32
CA ALA A 99 2.91 -7.38 -8.95
C ALA A 99 3.34 -7.26 -7.49
N VAL A 100 3.50 -8.40 -6.84
CA VAL A 100 4.02 -8.46 -5.48
C VAL A 100 5.17 -9.45 -5.46
N MET A 101 6.30 -9.04 -4.90
CA MET A 101 7.49 -9.87 -4.87
C MET A 101 8.05 -9.93 -3.46
N ARG A 102 8.31 -11.13 -2.97
CA ARG A 102 8.88 -11.28 -1.63
C ARG A 102 10.40 -11.31 -1.71
N ILE A 103 11.05 -10.50 -0.87
CA ILE A 103 12.49 -10.45 -0.71
C ILE A 103 12.82 -11.10 0.64
N PRO A 104 13.36 -12.32 0.67
CA PRO A 104 13.66 -12.97 1.97
C PRO A 104 14.69 -12.17 2.77
N ALA A 105 14.48 -12.14 4.09
CA ALA A 105 15.47 -11.53 4.97
C ALA A 105 16.85 -12.11 4.71
N GLY A 106 17.85 -11.24 4.66
CA GLY A 106 19.21 -11.64 4.35
C GLY A 106 19.57 -11.59 2.88
N SER A 107 18.59 -11.46 2.00
CA SER A 107 18.88 -11.37 0.56
C SER A 107 19.29 -9.96 0.19
N GLU A 108 20.39 -9.84 -0.57
CA GLU A 108 20.84 -8.54 -1.05
C GLU A 108 20.00 -8.09 -2.24
N HIS A 109 19.59 -6.82 -2.24
CA HIS A 109 18.60 -6.43 -3.23
C HIS A 109 18.48 -4.92 -3.33
N CYS A 110 17.85 -4.48 -4.42
CA CYS A 110 17.42 -3.11 -4.64
C CYS A 110 16.57 -3.16 -5.90
N PHE A 111 15.94 -2.02 -6.25
CA PHE A 111 15.19 -1.95 -7.48
C PHE A 111 15.50 -0.66 -8.23
N LEU A 112 15.29 -0.74 -9.54
CA LEU A 112 15.47 0.34 -10.48
C LEU A 112 14.18 0.49 -11.27
N THR A 113 13.67 1.72 -11.36
CA THR A 113 12.43 1.99 -12.09
C THR A 113 12.72 2.04 -13.58
N LEU A 114 12.05 1.17 -14.34
CA LEU A 114 12.21 1.11 -15.79
C LEU A 114 11.19 1.96 -16.51
N GLU A 115 10.00 2.08 -15.94
CA GLU A 115 8.90 2.75 -16.63
C GLU A 115 7.83 3.04 -15.60
N ALA A 116 7.28 4.27 -15.64
CA ALA A 116 6.26 4.66 -14.68
C ALA A 116 5.49 5.87 -15.21
N THR A 117 4.18 5.76 -15.20
CA THR A 117 3.23 6.85 -15.39
C THR A 117 2.94 7.55 -14.07
N VAL A 118 2.37 8.75 -14.19
CA VAL A 118 1.77 9.41 -13.03
C VAL A 118 0.83 8.43 -12.35
N GLY A 119 0.99 8.26 -11.05
CA GLY A 119 0.16 7.30 -10.34
C GLY A 119 0.71 5.90 -10.25
N SER A 120 1.93 5.67 -10.73
CA SER A 120 2.59 4.39 -10.47
C SER A 120 3.30 4.46 -9.13
N TYR A 121 3.20 3.37 -8.35
CA TYR A 121 3.81 3.33 -7.02
C TYR A 121 4.57 2.02 -6.86
N CYS A 122 5.68 2.07 -6.15
CA CYS A 122 6.25 0.88 -5.54
C CYS A 122 6.32 1.12 -4.05
N PHE A 123 5.72 0.22 -3.28
CA PHE A 123 5.82 0.23 -1.83
C PHE A 123 6.64 -0.96 -1.37
N GLY A 124 7.48 -0.73 -0.36
CA GLY A 124 8.18 -1.80 0.31
C GLY A 124 7.51 -2.06 1.64
N ILE A 125 7.11 -3.30 1.85
CA ILE A 125 6.42 -3.68 3.07
C ILE A 125 7.34 -4.58 3.87
N LEU A 126 7.87 -4.06 4.97
CA LEU A 126 8.72 -4.84 5.87
C LEU A 126 7.83 -5.63 6.83
N VAL A 127 8.01 -6.95 6.85
CA VAL A 127 7.17 -7.85 7.64
C VAL A 127 7.91 -8.15 8.93
N GLY A 128 7.27 -7.87 10.06
CA GLY A 128 7.90 -7.82 11.38
C GLY A 128 8.49 -9.12 11.93
N ASP A 129 8.22 -10.27 11.33
CA ASP A 129 8.64 -11.58 11.91
C ASP A 129 7.94 -11.83 13.25
N ASP B 11 14.55 -18.78 -8.90
CA ASP B 11 13.35 -19.26 -8.21
C ASP B 11 12.79 -18.20 -7.23
N ALA B 12 12.58 -16.99 -7.76
CA ALA B 12 12.05 -15.87 -7.00
C ALA B 12 10.55 -16.02 -6.75
N GLU B 13 10.06 -15.38 -5.67
CA GLU B 13 8.65 -15.47 -5.31
C GLU B 13 7.93 -14.22 -5.77
N ILE B 14 7.24 -14.33 -6.89
CA ILE B 14 6.55 -13.21 -7.53
C ILE B 14 5.11 -13.63 -7.74
N VAL B 15 4.18 -12.76 -7.35
CA VAL B 15 2.76 -12.99 -7.57
C VAL B 15 2.32 -11.95 -8.60
N THR B 16 1.79 -12.41 -9.73
CA THR B 16 1.29 -11.49 -10.75
C THR B 16 -0.19 -11.65 -11.06
N ALA B 17 -0.87 -12.65 -10.51
CA ALA B 17 -2.30 -12.84 -10.72
C ALA B 17 -3.06 -11.96 -9.73
N LEU B 18 -3.16 -10.68 -10.06
CA LEU B 18 -3.60 -9.67 -9.11
C LEU B 18 -4.45 -8.63 -9.83
N PRO B 19 -5.37 -7.98 -9.12
CA PRO B 19 -5.74 -8.27 -7.73
C PRO B 19 -6.60 -9.54 -7.60
N VAL B 20 -6.77 -10.06 -6.38
CA VAL B 20 -7.58 -11.25 -6.14
C VAL B 20 -8.94 -10.78 -5.62
N PRO B 21 -10.04 -11.01 -6.34
CA PRO B 21 -11.34 -10.57 -5.82
C PRO B 21 -11.79 -11.47 -4.67
N LEU B 22 -12.00 -10.89 -3.50
CA LEU B 22 -12.47 -11.64 -2.35
C LEU B 22 -13.67 -10.95 -1.75
N ALA B 23 -14.66 -11.75 -1.37
CA ALA B 23 -15.88 -11.21 -0.79
C ALA B 23 -15.59 -10.66 0.60
N VAL B 24 -16.19 -9.52 0.89
CA VAL B 24 -16.11 -8.90 2.21
C VAL B 24 -17.53 -8.48 2.59
N ALA B 25 -17.90 -8.75 3.83
CA ALA B 25 -19.25 -8.45 4.27
C ALA B 25 -19.56 -6.97 4.08
N GLY B 26 -20.72 -6.68 3.49
CA GLY B 26 -21.16 -5.31 3.27
C GLY B 26 -20.63 -4.65 2.02
N HIS B 27 -19.65 -5.25 1.34
CA HIS B 27 -19.13 -4.70 0.09
C HIS B 27 -19.99 -5.13 -1.08
N HIS B 28 -20.33 -4.16 -1.95
CA HIS B 28 -21.16 -4.44 -3.12
C HIS B 28 -20.50 -5.47 -4.03
N GLN B 29 -19.22 -5.29 -4.29
CA GLN B 29 -18.41 -6.22 -5.05
C GLN B 29 -17.41 -6.89 -4.13
N PRO B 30 -16.84 -8.01 -4.54
CA PRO B 30 -15.64 -8.51 -3.84
C PRO B 30 -14.54 -7.46 -3.90
N ALA B 31 -13.82 -7.31 -2.82
CA ALA B 31 -12.80 -6.28 -2.82
C ALA B 31 -11.56 -6.79 -3.56
N PRO B 32 -10.81 -5.91 -4.23
CA PRO B 32 -9.62 -6.36 -4.95
C PRO B 32 -8.42 -6.41 -4.02
N PHE B 33 -7.95 -7.62 -3.73
CA PHE B 33 -6.86 -7.81 -2.80
C PHE B 33 -5.53 -7.92 -3.54
N TYR B 34 -4.51 -7.24 -3.01
CA TYR B 34 -3.16 -7.38 -3.52
C TYR B 34 -2.24 -8.14 -2.59
N LEU B 35 -2.54 -8.14 -1.30
CA LEU B 35 -1.90 -9.02 -0.32
C LEU B 35 -3.00 -9.81 0.37
N THR B 36 -2.86 -11.13 0.38
CA THR B 36 -3.78 -11.99 1.11
C THR B 36 -3.01 -12.78 2.16
N ALA B 37 -3.74 -13.23 3.18
CA ALA B 37 -3.12 -13.83 4.37
C ALA B 37 -2.30 -15.08 4.06
N ASP B 38 -2.60 -15.77 2.96
CA ASP B 38 -1.93 -17.01 2.62
C ASP B 38 -0.72 -16.83 1.70
N MET B 39 -0.46 -15.61 1.22
CA MET B 39 0.66 -15.41 0.30
C MET B 39 1.98 -15.72 0.99
N PHE B 40 2.90 -16.30 0.23
CA PHE B 40 4.30 -16.47 0.67
C PHE B 40 4.38 -17.26 1.98
N GLY B 41 3.50 -18.23 2.16
CA GLY B 41 3.49 -18.98 3.41
C GLY B 41 2.82 -18.30 4.58
N GLY B 42 2.15 -17.17 4.36
CA GLY B 42 1.45 -16.55 5.48
C GLY B 42 1.94 -15.14 5.72
N LEU B 43 0.99 -14.21 5.81
CA LEU B 43 1.28 -12.81 6.05
C LEU B 43 0.46 -12.32 7.25
N PRO B 44 0.99 -11.36 8.01
CA PRO B 44 0.22 -10.84 9.14
C PRO B 44 -0.79 -9.77 8.75
N VAL B 45 -0.93 -9.47 7.46
CA VAL B 45 -1.89 -8.46 6.99
C VAL B 45 -2.54 -8.94 5.72
N GLN B 46 -3.68 -8.33 5.40
CA GLN B 46 -4.22 -8.37 4.05
C GLN B 46 -4.40 -6.94 3.59
N LEU B 47 -4.26 -6.74 2.28
CA LEU B 47 -4.28 -5.39 1.72
C LEU B 47 -5.15 -5.43 0.49
N ALA B 48 -6.18 -4.59 0.49
CA ALA B 48 -7.08 -4.45 -0.63
C ALA B 48 -7.22 -2.96 -0.95
N GLY B 49 -7.62 -2.68 -2.18
CA GLY B 49 -7.96 -1.31 -2.52
C GLY B 49 -7.92 -1.09 -4.02
N GLY B 50 -7.92 0.18 -4.39
CA GLY B 50 -7.98 0.46 -5.80
C GLY B 50 -7.93 1.95 -6.08
N GLU B 51 -7.89 2.25 -7.37
CA GLU B 51 -7.71 3.61 -7.81
C GLU B 51 -9.01 4.37 -7.67
N LEU B 52 -8.91 5.63 -7.23
CA LEU B 52 -10.07 6.34 -6.73
C LEU B 52 -10.72 7.25 -7.76
N SER B 53 -10.06 7.54 -8.88
CA SER B 53 -10.60 8.50 -9.84
C SER B 53 -11.92 7.98 -10.42
N LYS B 54 -12.08 6.67 -10.51
CA LYS B 54 -13.32 6.10 -11.02
C LYS B 54 -14.28 5.73 -9.91
N LEU B 55 -13.95 6.05 -8.65
CA LEU B 55 -14.80 5.77 -7.49
C LEU B 55 -15.42 7.02 -6.89
N VAL B 56 -15.32 8.18 -7.54
CA VAL B 56 -15.88 9.40 -6.97
C VAL B 56 -17.40 9.27 -6.89
N GLY B 57 -17.97 9.45 -5.68
CA GLY B 57 -19.40 9.41 -5.48
C GLY B 57 -20.03 8.03 -5.42
N LYS B 58 -19.22 6.97 -5.38
CA LYS B 58 -19.70 5.60 -5.50
C LYS B 58 -19.15 4.79 -4.33
N PRO B 59 -19.88 4.67 -3.22
CA PRO B 59 -19.34 3.92 -2.08
C PRO B 59 -19.11 2.47 -2.45
N VAL B 60 -17.95 1.93 -2.04
CA VAL B 60 -17.69 0.53 -2.32
C VAL B 60 -18.44 -0.39 -1.38
N ALA B 61 -19.02 0.15 -0.30
CA ALA B 61 -19.68 -0.70 0.68
C ALA B 61 -20.73 0.07 1.46
N ALA B 62 -21.72 -0.67 1.96
CA ALA B 62 -22.52 -0.17 3.06
C ALA B 62 -21.62 -0.10 4.28
N PRO B 63 -22.05 0.57 5.34
CA PRO B 63 -21.33 0.42 6.61
C PRO B 63 -21.14 -1.06 6.90
N HIS B 64 -19.95 -1.44 7.36
CA HIS B 64 -19.64 -2.84 7.63
C HIS B 64 -18.66 -2.94 8.79
N VAL B 65 -18.43 -4.16 9.26
CA VAL B 65 -17.53 -4.43 10.36
C VAL B 65 -16.65 -5.61 10.01
N HIS B 66 -15.42 -5.55 10.50
CA HIS B 66 -14.43 -6.62 10.40
C HIS B 66 -14.16 -7.16 11.79
N GLU B 67 -13.67 -8.41 11.83
CA GLU B 67 -13.23 -8.98 13.09
C GLU B 67 -11.80 -8.60 13.45
N VAL B 68 -11.09 -7.90 12.55
CA VAL B 68 -9.74 -7.41 12.80
C VAL B 68 -9.70 -5.91 12.56
N ASP B 69 -8.65 -5.27 13.06
CA ASP B 69 -8.43 -3.85 12.77
C ASP B 69 -8.23 -3.66 11.27
N GLU B 70 -8.69 -2.53 10.76
CA GLU B 70 -8.43 -2.16 9.38
C GLU B 70 -7.88 -0.75 9.35
N LEU B 71 -6.80 -0.54 8.60
CA LEU B 71 -6.22 0.77 8.38
C LEU B 71 -6.56 1.24 6.98
N TYR B 72 -7.14 2.43 6.86
CA TYR B 72 -7.24 3.09 5.57
C TYR B 72 -5.94 3.83 5.28
N PHE B 73 -5.40 3.62 4.09
CA PHE B 73 -4.23 4.33 3.61
C PHE B 73 -4.61 5.08 2.33
N LEU B 74 -4.65 6.40 2.43
CA LEU B 74 -5.04 7.27 1.32
C LEU B 74 -3.81 8.00 0.79
N VAL B 75 -3.55 7.87 -0.51
CA VAL B 75 -2.36 8.44 -1.12
C VAL B 75 -2.71 8.91 -2.53
N SER B 76 -2.01 9.94 -3.00
CA SER B 76 -2.19 10.49 -4.33
C SER B 76 -0.83 10.96 -4.84
N PRO B 77 -0.63 11.04 -6.16
CA PRO B 77 0.71 11.37 -6.67
C PRO B 77 1.28 12.63 -6.06
N GLU B 78 0.49 13.65 -5.91
CA GLU B 78 0.85 14.86 -5.18
C GLU B 78 -0.02 14.99 -3.96
N PRO B 79 0.54 15.43 -2.83
CA PRO B 79 -0.26 15.57 -1.61
C PRO B 79 -1.47 16.46 -1.82
N GLY B 80 -2.55 16.11 -1.14
CA GLY B 80 -3.76 16.90 -1.22
C GLY B 80 -4.68 16.58 -2.38
N GLN B 81 -4.26 15.76 -3.34
CA GLN B 81 -5.04 15.54 -4.55
C GLN B 81 -6.18 14.53 -4.40
N ALA B 82 -6.31 13.85 -3.27
CA ALA B 82 -7.40 12.91 -3.07
C ALA B 82 -8.06 13.22 -1.74
N ARG B 83 -9.38 13.03 -1.67
CA ARG B 83 -10.17 13.42 -0.51
C ARG B 83 -11.28 12.41 -0.33
N ILE B 84 -11.39 11.84 0.87
CA ILE B 84 -12.42 10.85 1.17
C ILE B 84 -13.16 11.26 2.44
N GLU B 85 -14.35 10.68 2.57
CA GLU B 85 -15.16 10.85 3.75
C GLU B 85 -15.18 9.49 4.45
N VAL B 86 -14.73 9.44 5.70
CA VAL B 86 -14.75 8.18 6.44
C VAL B 86 -15.81 8.27 7.52
N HIS B 87 -16.78 7.37 7.46
CA HIS B 87 -17.82 7.26 8.48
C HIS B 87 -17.40 6.21 9.49
N LEU B 88 -17.26 6.61 10.74
CA LEU B 88 -16.82 5.70 11.80
C LEU B 88 -17.78 5.80 12.95
N ASP B 89 -18.58 4.76 13.15
CA ASP B 89 -19.55 4.71 14.24
C ASP B 89 -20.38 5.99 14.28
N GLY B 90 -20.99 6.31 13.15
CA GLY B 90 -21.82 7.49 13.08
C GLY B 90 -21.11 8.84 13.17
N VAL B 91 -19.80 8.91 12.94
CA VAL B 91 -19.10 10.19 12.89
C VAL B 91 -18.42 10.33 11.53
N ARG B 92 -18.56 11.49 10.92
CA ARG B 92 -18.04 11.76 9.59
C ARG B 92 -16.66 12.39 9.71
N HIS B 93 -15.69 11.85 8.96
CA HIS B 93 -14.34 12.40 8.95
C HIS B 93 -13.94 12.72 7.51
N GLU B 94 -13.49 13.93 7.25
CA GLU B 94 -13.00 14.25 5.91
C GLU B 94 -11.48 14.30 5.94
N LEU B 95 -10.85 13.40 5.19
CA LEU B 95 -9.41 13.21 5.15
C LEU B 95 -8.85 13.58 3.77
N VAL B 96 -7.64 14.13 3.78
CA VAL B 96 -6.95 14.57 2.58
C VAL B 96 -5.63 13.80 2.47
N SER B 97 -5.31 13.35 1.27
CA SER B 97 -4.12 12.53 1.07
C SER B 97 -2.86 13.34 1.38
N PRO B 98 -1.83 12.72 1.97
CA PRO B 98 -1.78 11.33 2.43
C PRO B 98 -2.37 11.20 3.81
N ALA B 99 -3.03 10.08 4.12
CA ALA B 99 -3.65 9.92 5.42
C ALA B 99 -3.76 8.44 5.75
N VAL B 100 -3.63 8.12 7.03
CA VAL B 100 -3.82 6.76 7.51
C VAL B 100 -4.75 6.83 8.70
N MET B 101 -5.79 5.99 8.72
CA MET B 101 -6.78 6.03 9.79
C MET B 101 -7.05 4.61 10.25
N ARG B 102 -7.04 4.40 11.56
CA ARG B 102 -7.30 3.08 12.08
C ARG B 102 -8.79 2.87 12.35
N ILE B 103 -9.33 1.76 11.87
CA ILE B 103 -10.70 1.36 12.15
C ILE B 103 -10.65 0.20 13.13
N PRO B 104 -10.96 0.40 14.41
CA PRO B 104 -10.87 -0.70 15.38
C PRO B 104 -11.80 -1.84 15.02
N ALA B 105 -11.33 -3.06 15.24
CA ALA B 105 -12.16 -4.24 14.97
C ALA B 105 -13.51 -4.08 15.65
N GLY B 106 -14.56 -4.46 14.93
CA GLY B 106 -15.90 -4.33 15.43
C GLY B 106 -16.56 -3.00 15.16
N SER B 107 -15.79 -1.98 14.78
CA SER B 107 -16.38 -0.67 14.54
C SER B 107 -17.02 -0.63 13.17
N GLU B 108 -18.24 -0.12 13.11
CA GLU B 108 -18.93 -0.01 11.85
C GLU B 108 -18.42 1.20 11.07
N HIS B 109 -18.19 1.01 9.77
CA HIS B 109 -17.47 2.05 9.03
C HIS B 109 -17.63 1.84 7.54
N CYS B 110 -17.29 2.89 6.79
CA CYS B 110 -17.17 2.82 5.34
C CYS B 110 -16.51 4.12 4.89
N PHE B 111 -16.14 4.19 3.63
CA PHE B 111 -15.61 5.45 3.13
C PHE B 111 -16.22 5.77 1.78
N LEU B 112 -16.22 7.05 1.47
CA LEU B 112 -16.74 7.57 0.22
C LEU B 112 -15.68 8.48 -0.37
N THR B 113 -15.39 8.34 -1.67
CA THR B 113 -14.41 9.19 -2.32
C THR B 113 -15.04 10.51 -2.77
N LEU B 114 -14.50 11.65 -2.30
CA LEU B 114 -15.06 12.94 -2.72
C LEU B 114 -14.39 13.47 -3.97
N GLU B 115 -13.08 13.44 -4.00
CA GLU B 115 -12.32 13.91 -5.15
CA GLU B 115 -12.34 13.89 -5.16
C GLU B 115 -11.05 13.10 -5.23
N ALA B 116 -10.55 12.87 -6.45
CA ALA B 116 -9.34 12.11 -6.65
C ALA B 116 -8.83 12.33 -8.07
N THR B 117 -7.54 12.63 -8.19
CA THR B 117 -6.88 12.62 -9.48
C THR B 117 -6.55 11.18 -9.85
N VAL B 118 -6.37 10.94 -11.15
CA VAL B 118 -5.92 9.64 -11.62
C VAL B 118 -4.63 9.24 -10.92
N GLY B 119 -4.60 8.02 -10.40
CA GLY B 119 -3.45 7.59 -9.64
C GLY B 119 -3.55 7.79 -8.14
N SER B 120 -4.69 8.23 -7.63
CA SER B 120 -4.96 8.26 -6.20
C SER B 120 -5.48 6.90 -5.76
N TYR B 121 -5.10 6.46 -4.56
CA TYR B 121 -5.51 5.18 -4.03
C TYR B 121 -6.01 5.28 -2.60
N CYS B 122 -6.98 4.44 -2.29
CA CYS B 122 -7.26 4.10 -0.89
C CYS B 122 -7.11 2.60 -0.75
N PHE B 123 -6.25 2.18 0.18
CA PHE B 123 -6.07 0.77 0.49
C PHE B 123 -6.64 0.49 1.87
N GLY B 124 -7.32 -0.64 2.03
CA GLY B 124 -7.72 -1.11 3.33
C GLY B 124 -6.76 -2.21 3.74
N ILE B 125 -6.11 -2.02 4.89
CA ILE B 125 -5.12 -2.98 5.37
C ILE B 125 -5.68 -3.66 6.62
N LEU B 126 -6.05 -4.94 6.48
CA LEU B 126 -6.54 -5.73 7.58
C LEU B 126 -5.36 -6.24 8.36
N VAL B 127 -5.32 -5.92 9.66
CA VAL B 127 -4.16 -6.21 10.51
C VAL B 127 -4.45 -7.44 11.35
N GLY B 128 -3.61 -8.48 11.20
CA GLY B 128 -3.80 -9.73 11.92
C GLY B 128 -3.58 -9.52 13.41
#